data_2ATK
#
_entry.id   2ATK
#
_cell.length_a   155.160
_cell.length_b   155.160
_cell.length_c   75.712
_cell.angle_alpha   90.00
_cell.angle_beta   90.00
_cell.angle_gamma   90.00
#
_symmetry.space_group_name_H-M   'I 4'
#
loop_
_entity.id
_entity.type
_entity.pdbx_description
1 polymer 'ANTIBODY FAB FRAGMENT HEAVY CHAIN'
2 polymer 'ANTIBODY FAB FRAGMENT LIGHT CHAIN'
3 polymer 'Voltage-gated potassium channel'
4 non-polymer 'POTASSIUM ION'
5 non-polymer NONAN-1-OL
6 water water
#
loop_
_entity_poly.entity_id
_entity_poly.type
_entity_poly.pdbx_seq_one_letter_code
_entity_poly.pdbx_strand_id
1 'polypeptide(L)'
;QVQLQQPGAELVKPGASVKLSCKASGYTFTSDWIHWVKQRPGHGLEWIGEIIPSYGRANYNEKIQKKATLTADKSSSTAF
MQLSSLTSEDSAVYYCARERGDGYFAVWGAGTTVTVSSAKTTPPSVYPLAPGSAAQTNSMVTLGCLVKGYFPEPVTVTWN
SGSLSSGVHTFPAVLQSDLYTLSSSVTVPSSSWPSETVTCNVAHPASSTKVDKKIVPRD
;
A
2 'polypeptide(L)'
;DILLTQSPAILSVSPGERVSFSCRASQSIGTDIHWYQQRTNGSPRLLIKYASESISGIPSRFSGSGSGTDFTLSINSVES
EDIANYYCQQSNRWPFTFGSGTKLEIKRADAAPTVSIFPPSSEQLTSGGASVVCFLNNFYPKDINVKWKIDGSERQNGVL
NSWTDQDSKDSTYSMSSTLTLTKDEYERHNSYTCEATHKTSTSPIVKSFNRN
;
B
3 'polypeptide(L)'
;MAPMLSGLLARLVKLLLGRHGSALHWRAAGAATVLLVIVLLAGSYLAVLAERGAPGAQLITYPRALWWSVATATTVGYGD
LYPVTLWGRCVAVVVMVAGITSFGLVTAALATWFVGREQERRGH
;
C
#
# COMPACT_ATOMS: atom_id res chain seq x y z
N GLN A 1 -8.02 12.29 -9.30
CA GLN A 1 -7.16 11.48 -10.20
C GLN A 1 -5.85 11.05 -9.54
N VAL A 2 -5.23 9.99 -10.08
CA VAL A 2 -3.99 9.43 -9.56
C VAL A 2 -2.87 10.45 -9.34
N GLN A 3 -2.54 10.68 -8.06
CA GLN A 3 -1.53 11.64 -7.66
C GLN A 3 -0.06 11.21 -7.83
N LEU A 4 0.26 9.94 -7.60
CA LEU A 4 1.63 9.47 -7.74
C LEU A 4 1.69 8.30 -8.70
N GLN A 5 2.63 8.35 -9.64
CA GLN A 5 2.78 7.30 -10.65
C GLN A 5 4.13 6.62 -10.60
N GLN A 6 4.11 5.30 -10.39
CA GLN A 6 5.35 4.51 -10.33
C GLN A 6 5.28 3.32 -11.29
N PRO A 7 6.42 2.93 -11.88
CA PRO A 7 6.52 1.81 -12.81
C PRO A 7 6.10 0.49 -12.15
N GLY A 8 5.09 -0.17 -12.72
CA GLY A 8 4.62 -1.43 -12.16
C GLY A 8 5.70 -2.40 -11.70
N ALA A 9 6.82 -2.46 -12.43
CA ALA A 9 7.88 -3.39 -12.05
C ALA A 9 9.24 -3.04 -12.61
N GLU A 10 10.26 -3.69 -12.07
CA GLU A 10 11.64 -3.48 -12.48
C GLU A 10 12.44 -4.71 -12.11
N LEU A 11 13.18 -5.25 -13.08
CA LEU A 11 14.00 -6.43 -12.88
C LEU A 11 15.45 -5.95 -12.76
N VAL A 12 16.21 -6.60 -11.90
CA VAL A 12 17.60 -6.23 -11.68
C VAL A 12 18.43 -7.46 -11.32
N LYS A 13 19.65 -7.50 -11.83
CA LYS A 13 20.54 -8.62 -11.58
C LYS A 13 21.26 -8.43 -10.24
N PRO A 14 21.42 -9.52 -9.47
CA PRO A 14 22.10 -9.43 -8.18
C PRO A 14 23.49 -8.84 -8.32
N GLY A 15 23.66 -7.67 -7.71
CA GLY A 15 24.94 -6.97 -7.77
C GLY A 15 24.72 -5.66 -8.48
N ALA A 16 23.78 -5.64 -9.42
CA ALA A 16 23.44 -4.46 -10.19
C ALA A 16 22.74 -3.40 -9.34
N SER A 17 22.23 -2.36 -10.00
CA SER A 17 21.53 -1.27 -9.33
C SER A 17 20.28 -0.87 -10.14
N VAL A 18 19.50 0.09 -9.62
CA VAL A 18 18.29 0.53 -10.31
C VAL A 18 17.72 1.81 -9.72
N LYS A 19 17.28 2.71 -10.59
CA LYS A 19 16.68 3.97 -10.17
C LYS A 19 15.18 3.93 -10.44
N LEU A 20 14.38 3.95 -9.38
CA LEU A 20 12.92 3.93 -9.54
C LEU A 20 12.42 5.36 -9.63
N SER A 21 11.23 5.55 -10.20
CA SER A 21 10.66 6.89 -10.36
C SER A 21 9.35 7.03 -9.59
N CYS A 22 8.85 8.26 -9.50
CA CYS A 22 7.61 8.58 -8.78
C CYS A 22 7.26 10.01 -9.16
N LYS A 23 6.44 10.18 -10.21
CA LYS A 23 6.06 11.53 -10.61
C LYS A 23 4.75 11.90 -9.95
N ALA A 24 4.52 13.20 -9.76
CA ALA A 24 3.32 13.67 -9.10
C ALA A 24 2.40 14.53 -9.95
N SER A 25 1.29 14.94 -9.34
CA SER A 25 0.28 15.77 -9.97
C SER A 25 -0.64 16.29 -8.86
N GLY A 26 -1.60 17.14 -9.22
CA GLY A 26 -2.49 17.68 -8.22
C GLY A 26 -1.76 18.77 -7.45
N TYR A 27 -2.20 19.01 -6.21
CA TYR A 27 -1.59 20.02 -5.35
C TYR A 27 -0.17 19.64 -4.95
N THR A 28 0.77 20.54 -5.21
CA THR A 28 2.18 20.28 -4.87
C THR A 28 2.80 21.55 -4.30
N PHE A 29 3.39 21.45 -3.10
CA PHE A 29 4.02 22.59 -2.45
C PHE A 29 5.54 22.44 -2.39
N THR A 30 6.22 23.52 -1.99
CA THR A 30 7.68 23.53 -1.84
C THR A 30 7.98 22.92 -0.48
N SER A 31 6.93 22.71 0.29
CA SER A 31 7.04 22.15 1.61
C SER A 31 6.73 20.65 1.63
N ASP A 32 6.31 20.09 0.50
CA ASP A 32 5.98 18.66 0.44
C ASP A 32 7.20 17.76 0.47
N TRP A 33 7.04 16.60 1.12
CA TRP A 33 8.09 15.58 1.21
C TRP A 33 7.64 14.30 0.53
N ILE A 34 8.55 13.64 -0.17
CA ILE A 34 8.23 12.37 -0.80
C ILE A 34 8.96 11.28 -0.01
N HIS A 35 8.23 10.26 0.43
CA HIS A 35 8.81 9.16 1.19
C HIS A 35 8.95 7.91 0.35
N TRP A 36 9.63 6.91 0.87
CA TRP A 36 9.78 5.64 0.17
C TRP A 36 9.60 4.54 1.20
N VAL A 37 8.78 3.56 0.87
CA VAL A 37 8.46 2.50 1.79
C VAL A 37 8.67 1.14 1.14
N LYS A 38 9.38 0.26 1.83
CA LYS A 38 9.66 -1.07 1.32
C LYS A 38 8.77 -2.12 1.95
N GLN A 39 8.22 -3.01 1.12
CA GLN A 39 7.37 -4.07 1.62
C GLN A 39 7.71 -5.37 0.91
N ARG A 40 8.24 -6.30 1.68
CA ARG A 40 8.60 -7.61 1.16
C ARG A 40 7.34 -8.45 1.24
N PRO A 41 7.12 -9.31 0.23
CA PRO A 41 5.94 -10.16 0.23
C PRO A 41 5.67 -10.76 1.61
N GLY A 42 4.42 -10.67 2.06
CA GLY A 42 4.05 -11.21 3.35
C GLY A 42 4.52 -10.43 4.58
N HIS A 43 5.31 -9.39 4.39
CA HIS A 43 5.78 -8.60 5.53
C HIS A 43 5.07 -7.25 5.63
N GLY A 44 5.41 -6.48 6.66
CA GLY A 44 4.78 -5.18 6.86
C GLY A 44 5.48 -4.04 6.15
N LEU A 45 5.10 -2.81 6.52
CA LEU A 45 5.67 -1.60 5.92
C LEU A 45 7.00 -1.14 6.53
N GLU A 46 7.95 -0.76 5.69
CA GLU A 46 9.27 -0.34 6.14
C GLU A 46 9.72 1.00 5.55
N TRP A 47 9.89 2.01 6.41
CA TRP A 47 10.29 3.33 5.95
C TRP A 47 11.73 3.32 5.47
N ILE A 48 11.97 3.73 4.23
CA ILE A 48 13.33 3.75 3.66
C ILE A 48 14.00 5.11 3.80
N GLY A 49 13.29 6.17 3.44
CA GLY A 49 13.85 7.50 3.52
C GLY A 49 12.92 8.54 2.96
N GLU A 50 13.30 9.80 3.06
CA GLU A 50 12.46 10.88 2.57
C GLU A 50 13.31 11.92 1.87
N ILE A 51 12.64 12.80 1.13
CA ILE A 51 13.32 13.86 0.40
C ILE A 51 12.35 15.00 0.17
N ILE A 52 12.87 16.21 0.12
CA ILE A 52 12.06 17.38 -0.13
C ILE A 52 12.57 17.99 -1.44
N PRO A 53 11.89 17.71 -2.56
CA PRO A 53 12.21 18.18 -3.91
C PRO A 53 12.74 19.59 -4.06
N SER A 54 11.99 20.56 -3.52
CA SER A 54 12.38 21.95 -3.63
C SER A 54 13.63 22.33 -2.85
N TYR A 55 14.51 21.36 -2.60
CA TYR A 55 15.77 21.61 -1.87
C TYR A 55 16.73 20.48 -2.17
N GLY A 56 16.20 19.27 -2.27
CA GLY A 56 17.03 18.12 -2.55
C GLY A 56 17.66 17.45 -1.34
N ARG A 57 17.27 17.87 -0.13
CA ARG A 57 17.83 17.24 1.05
C ARG A 57 17.01 16.01 1.36
N ALA A 58 17.72 14.93 1.68
CA ALA A 58 17.07 13.66 1.98
C ALA A 58 17.61 13.00 3.25
N ASN A 59 16.76 12.21 3.89
CA ASN A 59 17.11 11.51 5.12
C ASN A 59 16.76 10.03 4.93
N TYR A 60 17.60 9.14 5.44
CA TYR A 60 17.36 7.70 5.29
C TYR A 60 17.30 6.96 6.61
N ASN A 61 16.63 5.81 6.61
CA ASN A 61 16.53 4.95 7.78
C ASN A 61 17.95 4.42 8.05
N GLU A 62 18.47 4.62 9.26
CA GLU A 62 19.82 4.18 9.58
C GLU A 62 19.91 2.75 10.11
N LYS A 63 18.84 2.26 10.72
CA LYS A 63 18.81 0.91 11.28
C LYS A 63 19.08 -0.20 10.27
N ILE A 64 18.61 0.03 9.04
CA ILE A 64 18.79 -0.92 7.94
C ILE A 64 19.95 -0.38 7.12
N GLN A 65 20.58 -1.21 6.31
CA GLN A 65 21.69 -0.72 5.51
C GLN A 65 21.23 0.16 4.35
N LYS A 66 22.03 1.16 4.05
CA LYS A 66 21.71 2.13 2.99
C LYS A 66 21.97 1.68 1.55
N LYS A 67 20.97 1.05 0.94
CA LYS A 67 21.04 0.58 -0.43
C LYS A 67 20.42 1.63 -1.34
N ALA A 68 20.06 2.78 -0.76
CA ALA A 68 19.40 3.82 -1.54
C ALA A 68 20.05 5.19 -1.53
N THR A 69 19.58 6.02 -2.46
CA THR A 69 20.03 7.40 -2.64
C THR A 69 18.82 8.09 -3.25
N LEU A 70 18.34 9.15 -2.60
CA LEU A 70 17.19 9.85 -3.12
C LEU A 70 17.59 11.14 -3.83
N THR A 71 16.87 11.44 -4.90
CA THR A 71 17.09 12.62 -5.70
C THR A 71 15.76 12.96 -6.38
N ALA A 72 15.58 14.21 -6.76
CA ALA A 72 14.35 14.63 -7.39
C ALA A 72 14.63 15.52 -8.61
N ASP A 73 13.56 15.90 -9.29
CA ASP A 73 13.64 16.76 -10.46
C ASP A 73 12.47 17.73 -10.46
N LYS A 74 12.75 18.93 -9.98
CA LYS A 74 11.75 20.00 -9.87
C LYS A 74 10.79 20.16 -11.05
N SER A 75 11.34 20.38 -12.23
CA SER A 75 10.55 20.58 -13.46
C SER A 75 9.42 19.57 -13.70
N SER A 76 9.78 18.30 -13.90
CA SER A 76 8.83 17.24 -14.16
C SER A 76 8.16 16.66 -12.92
N SER A 77 8.38 17.29 -11.77
CA SER A 77 7.80 16.82 -10.52
C SER A 77 8.02 15.32 -10.33
N THR A 78 9.24 14.85 -10.59
CA THR A 78 9.55 13.44 -10.46
C THR A 78 10.64 13.14 -9.43
N ALA A 79 10.38 12.17 -8.56
CA ALA A 79 11.33 11.79 -7.52
C ALA A 79 11.99 10.45 -7.85
N PHE A 80 13.28 10.32 -7.56
CA PHE A 80 13.99 9.08 -7.85
C PHE A 80 14.68 8.41 -6.66
N MET A 81 14.73 7.08 -6.68
CA MET A 81 15.40 6.33 -5.63
C MET A 81 16.43 5.40 -6.29
N GLN A 82 17.70 5.60 -5.96
CA GLN A 82 18.79 4.81 -6.53
C GLN A 82 19.23 3.64 -5.64
N LEU A 83 18.69 2.45 -5.93
CA LEU A 83 19.01 1.23 -5.18
C LEU A 83 20.21 0.54 -5.84
N SER A 84 21.28 0.31 -5.09
CA SER A 84 22.47 -0.32 -5.66
C SER A 84 23.02 -1.53 -4.89
N SER A 85 23.69 -2.43 -5.61
CA SER A 85 24.26 -3.65 -5.05
C SER A 85 23.18 -4.48 -4.38
N LEU A 86 22.15 -4.81 -5.15
CA LEU A 86 21.03 -5.58 -4.64
C LEU A 86 21.27 -7.07 -4.51
N THR A 87 20.63 -7.66 -3.50
CA THR A 87 20.71 -9.08 -3.24
C THR A 87 19.24 -9.48 -3.24
N SER A 88 18.94 -10.75 -2.99
CA SER A 88 17.53 -11.19 -2.99
C SER A 88 16.76 -10.46 -1.88
N GLU A 89 17.48 -10.10 -0.83
CA GLU A 89 16.88 -9.41 0.31
C GLU A 89 16.29 -8.07 -0.09
N ASP A 90 16.66 -7.56 -1.27
CA ASP A 90 16.15 -6.27 -1.73
C ASP A 90 14.92 -6.38 -2.61
N SER A 91 14.50 -7.61 -2.88
CA SER A 91 13.32 -7.85 -3.71
C SER A 91 12.05 -7.53 -2.92
N ALA A 92 11.22 -6.65 -3.45
CA ALA A 92 9.98 -6.26 -2.79
C ALA A 92 9.27 -5.15 -3.56
N VAL A 93 8.11 -4.76 -3.06
CA VAL A 93 7.34 -3.68 -3.65
C VAL A 93 7.79 -2.42 -2.93
N TYR A 94 8.16 -1.39 -3.68
CA TYR A 94 8.60 -0.14 -3.10
C TYR A 94 7.56 0.93 -3.42
N TYR A 95 6.91 1.46 -2.39
CA TYR A 95 5.93 2.51 -2.59
C TYR A 95 6.60 3.86 -2.36
N CYS A 96 5.97 4.92 -2.85
CA CYS A 96 6.44 6.27 -2.61
C CYS A 96 5.13 6.90 -2.17
N ALA A 97 5.20 7.86 -1.26
CA ALA A 97 3.99 8.51 -0.79
C ALA A 97 4.28 9.98 -0.61
N ARG A 98 3.24 10.76 -0.34
CA ARG A 98 3.42 12.18 -0.20
C ARG A 98 2.97 12.62 1.17
N GLU A 99 3.80 13.46 1.78
CA GLU A 99 3.54 13.97 3.11
C GLU A 99 3.67 15.48 3.03
N ARG A 100 2.63 16.16 3.49
CA ARG A 100 2.59 17.63 3.47
C ARG A 100 3.44 18.25 4.57
N GLY A 101 4.19 17.43 5.30
CA GLY A 101 5.01 17.97 6.36
C GLY A 101 4.28 17.96 7.69
N ASP A 102 3.15 17.28 7.74
CA ASP A 102 2.40 17.20 8.99
C ASP A 102 2.36 15.78 9.55
N GLY A 103 3.22 14.92 9.05
CA GLY A 103 3.29 13.57 9.60
C GLY A 103 2.61 12.34 9.03
N TYR A 104 1.65 12.50 8.12
CA TYR A 104 0.98 11.30 7.58
C TYR A 104 1.01 11.22 6.07
N PHE A 105 1.06 9.99 5.55
CA PHE A 105 1.10 9.77 4.12
C PHE A 105 -0.31 9.83 3.53
N ALA A 106 -0.66 11.01 3.02
CA ALA A 106 -1.98 11.26 2.44
C ALA A 106 -2.28 10.45 1.17
N VAL A 107 -1.29 10.31 0.30
CA VAL A 107 -1.47 9.63 -0.96
C VAL A 107 -0.26 8.77 -1.32
N TRP A 108 -0.51 7.51 -1.70
CA TRP A 108 0.55 6.59 -2.08
C TRP A 108 0.46 6.18 -3.54
N GLY A 109 1.58 5.72 -4.08
CA GLY A 109 1.62 5.23 -5.43
C GLY A 109 1.21 3.78 -5.41
N ALA A 110 1.16 3.15 -6.59
CA ALA A 110 0.75 1.76 -6.70
C ALA A 110 1.94 0.88 -6.36
N GLY A 111 3.11 1.51 -6.30
CA GLY A 111 4.30 0.76 -5.95
C GLY A 111 4.92 0.06 -7.13
N THR A 112 6.23 -0.15 -7.05
CA THR A 112 7.02 -0.79 -8.09
C THR A 112 7.57 -2.13 -7.59
N THR A 113 7.10 -3.25 -8.14
CA THR A 113 7.60 -4.54 -7.73
C THR A 113 9.00 -4.73 -8.30
N VAL A 114 9.98 -4.94 -7.43
CA VAL A 114 11.35 -5.13 -7.85
C VAL A 114 11.75 -6.58 -7.58
N THR A 115 12.38 -7.20 -8.57
CA THR A 115 12.82 -8.58 -8.47
C THR A 115 14.31 -8.64 -8.79
N VAL A 116 15.08 -9.19 -7.86
CA VAL A 116 16.52 -9.31 -8.06
C VAL A 116 16.80 -10.75 -8.43
N SER A 117 17.02 -10.99 -9.72
CA SER A 117 17.28 -12.33 -10.23
C SER A 117 18.24 -12.38 -11.41
N SER A 118 18.85 -13.54 -11.63
CA SER A 118 19.76 -13.74 -12.74
C SER A 118 18.91 -13.97 -14.00
N ALA A 119 17.76 -14.62 -13.80
CA ALA A 119 16.82 -14.93 -14.88
C ALA A 119 16.49 -13.69 -15.72
N LYS A 120 15.84 -13.91 -16.86
CA LYS A 120 15.48 -12.79 -17.73
C LYS A 120 13.99 -12.72 -18.02
N THR A 121 13.55 -11.52 -18.41
CA THR A 121 12.15 -11.27 -18.70
C THR A 121 11.52 -12.26 -19.66
N THR A 122 10.30 -12.69 -19.33
CA THR A 122 9.55 -13.63 -20.14
C THR A 122 8.08 -13.21 -20.16
N PRO A 123 7.60 -12.70 -21.30
CA PRO A 123 6.22 -12.27 -21.42
C PRO A 123 5.28 -13.43 -21.11
N PRO A 124 4.06 -13.12 -20.67
CA PRO A 124 3.04 -14.11 -20.31
C PRO A 124 2.32 -14.83 -21.47
N SER A 125 2.00 -16.10 -21.27
CA SER A 125 1.28 -16.90 -22.25
C SER A 125 -0.13 -17.00 -21.68
N VAL A 126 -1.13 -16.58 -22.47
CA VAL A 126 -2.51 -16.62 -22.00
C VAL A 126 -3.40 -17.59 -22.78
N TYR A 127 -3.95 -18.56 -22.07
CA TYR A 127 -4.83 -19.55 -22.69
C TYR A 127 -6.22 -19.45 -22.05
N PRO A 128 -7.26 -19.36 -22.89
CA PRO A 128 -8.62 -19.25 -22.35
C PRO A 128 -9.02 -20.44 -21.48
N LEU A 129 -10.20 -20.36 -20.90
CA LEU A 129 -10.73 -21.42 -20.06
C LEU A 129 -12.24 -21.36 -20.10
N ALA A 130 -12.83 -22.20 -20.96
CA ALA A 130 -14.28 -22.29 -21.09
C ALA A 130 -14.68 -23.69 -20.65
N PRO A 131 -15.91 -23.86 -20.16
CA PRO A 131 -16.36 -25.18 -19.71
C PRO A 131 -16.27 -26.25 -20.79
N GLY A 132 -16.52 -27.49 -20.39
CA GLY A 132 -16.51 -28.59 -21.31
C GLY A 132 -17.94 -28.81 -21.79
N SER A 133 -18.09 -29.25 -23.04
CA SER A 133 -19.40 -29.48 -23.64
C SER A 133 -20.25 -30.48 -22.86
N ALA A 134 -19.62 -31.18 -21.91
CA ALA A 134 -20.30 -32.17 -21.10
C ALA A 134 -20.87 -31.56 -19.81
N ALA A 135 -20.22 -30.51 -19.32
CA ALA A 135 -20.65 -29.86 -18.10
C ALA A 135 -21.90 -29.01 -18.33
N GLN A 136 -22.96 -29.30 -17.60
CA GLN A 136 -24.22 -28.56 -17.72
C GLN A 136 -24.08 -27.18 -17.09
N THR A 137 -25.15 -26.68 -16.47
CA THR A 137 -25.09 -25.35 -15.87
C THR A 137 -26.39 -24.91 -15.18
N ASN A 138 -26.32 -23.76 -14.53
CA ASN A 138 -27.46 -23.18 -13.85
C ASN A 138 -27.45 -21.65 -13.99
N SER A 139 -28.14 -20.97 -13.07
CA SER A 139 -28.23 -19.51 -13.10
C SER A 139 -26.92 -18.75 -13.35
N MET A 140 -25.77 -19.38 -13.06
CA MET A 140 -24.48 -18.73 -13.26
C MET A 140 -23.50 -19.61 -14.00
N VAL A 141 -22.57 -19.00 -14.72
CA VAL A 141 -21.55 -19.74 -15.45
C VAL A 141 -20.20 -19.27 -14.97
N THR A 142 -19.22 -20.16 -14.97
CA THR A 142 -17.88 -19.79 -14.50
C THR A 142 -16.81 -20.02 -15.56
N LEU A 143 -16.18 -18.93 -15.97
CA LEU A 143 -15.13 -19.00 -16.97
C LEU A 143 -13.87 -18.46 -16.32
N GLY A 144 -12.84 -18.25 -17.13
CA GLY A 144 -11.60 -17.73 -16.60
C GLY A 144 -10.49 -17.88 -17.62
N CYS A 145 -9.33 -17.30 -17.34
CA CYS A 145 -8.22 -17.44 -18.27
C CYS A 145 -6.90 -17.68 -17.52
N LEU A 146 -6.03 -18.46 -18.16
CA LEU A 146 -4.75 -18.88 -17.60
C LEU A 146 -3.51 -18.14 -18.08
N VAL A 147 -2.88 -17.40 -17.17
CA VAL A 147 -1.66 -16.67 -17.47
C VAL A 147 -0.52 -17.54 -16.98
N LYS A 148 0.47 -17.83 -17.83
CA LYS A 148 1.59 -18.66 -17.40
C LYS A 148 2.88 -18.55 -18.18
N GLY A 149 3.97 -19.01 -17.57
CA GLY A 149 5.27 -18.96 -18.19
C GLY A 149 5.80 -17.56 -18.35
N TYR A 150 5.92 -16.84 -17.23
CA TYR A 150 6.44 -15.47 -17.26
C TYR A 150 7.36 -15.12 -16.10
N PHE A 151 8.11 -14.05 -16.25
CA PHE A 151 9.04 -13.60 -15.24
C PHE A 151 9.37 -12.13 -15.50
N PRO A 152 9.35 -11.30 -14.44
CA PRO A 152 9.02 -11.67 -13.05
C PRO A 152 7.57 -11.29 -12.80
N GLU A 153 7.23 -11.05 -11.53
CA GLU A 153 5.87 -10.64 -11.20
C GLU A 153 5.90 -9.12 -11.29
N PRO A 154 4.72 -8.47 -11.27
CA PRO A 154 3.39 -9.05 -11.17
C PRO A 154 2.69 -9.01 -12.53
N VAL A 155 1.38 -9.26 -12.53
CA VAL A 155 0.58 -9.23 -13.73
C VAL A 155 -0.83 -8.75 -13.35
N THR A 156 -1.34 -7.76 -14.06
CA THR A 156 -2.68 -7.25 -13.80
C THR A 156 -3.67 -7.96 -14.72
N VAL A 157 -4.78 -8.42 -14.15
CA VAL A 157 -5.79 -9.12 -14.93
C VAL A 157 -7.17 -8.53 -14.71
N THR A 158 -7.78 -8.08 -15.81
CA THR A 158 -9.11 -7.49 -15.74
C THR A 158 -10.06 -8.24 -16.66
N TRP A 159 -11.35 -8.01 -16.46
CA TRP A 159 -12.37 -8.64 -17.29
C TRP A 159 -13.21 -7.53 -17.94
N ASN A 160 -13.17 -7.52 -19.28
CA ASN A 160 -13.86 -6.53 -20.11
C ASN A 160 -13.23 -5.16 -19.87
N SER A 161 -11.92 -5.18 -19.59
CA SER A 161 -11.17 -3.96 -19.36
C SER A 161 -11.60 -3.22 -18.10
N GLY A 162 -11.91 -3.97 -17.05
CA GLY A 162 -12.31 -3.36 -15.79
C GLY A 162 -13.79 -3.15 -15.61
N SER A 163 -14.55 -3.15 -16.71
CA SER A 163 -16.00 -2.96 -16.63
C SER A 163 -16.67 -4.14 -15.91
N LEU A 164 -15.92 -5.24 -15.81
CA LEU A 164 -16.41 -6.45 -15.16
C LEU A 164 -15.58 -6.75 -13.92
N SER A 165 -16.23 -6.68 -12.76
CA SER A 165 -15.57 -6.91 -11.47
C SER A 165 -16.28 -8.00 -10.67
N SER A 166 -17.53 -7.75 -10.32
CA SER A 166 -18.32 -8.69 -9.53
C SER A 166 -18.15 -10.14 -9.97
N GLY A 167 -17.52 -10.93 -9.11
CA GLY A 167 -17.30 -12.33 -9.39
C GLY A 167 -15.95 -12.66 -10.00
N VAL A 168 -14.89 -11.99 -9.55
CA VAL A 168 -13.56 -12.23 -10.08
C VAL A 168 -12.51 -12.64 -9.04
N HIS A 169 -11.80 -13.73 -9.31
CA HIS A 169 -10.74 -14.24 -8.43
C HIS A 169 -9.46 -14.38 -9.23
N THR A 170 -8.39 -13.74 -8.79
CA THR A 170 -7.12 -13.87 -9.49
C THR A 170 -6.17 -14.52 -8.50
N PHE A 171 -6.03 -15.83 -8.61
CA PHE A 171 -5.17 -16.61 -7.74
C PHE A 171 -3.71 -16.19 -7.71
N PRO A 172 -3.05 -16.31 -6.55
CA PRO A 172 -1.64 -15.94 -6.39
C PRO A 172 -0.73 -16.78 -7.28
N ALA A 173 0.18 -16.13 -7.99
CA ALA A 173 1.12 -16.84 -8.87
C ALA A 173 1.86 -17.91 -8.09
N VAL A 174 2.61 -18.74 -8.80
CA VAL A 174 3.42 -19.81 -8.18
C VAL A 174 4.69 -19.96 -9.02
N LEU A 175 5.83 -20.07 -8.36
CA LEU A 175 7.08 -20.17 -9.08
C LEU A 175 7.60 -21.61 -9.22
N GLN A 176 7.92 -21.99 -10.44
CA GLN A 176 8.42 -23.33 -10.73
C GLN A 176 9.29 -23.21 -11.97
N SER A 177 10.60 -23.18 -11.76
CA SER A 177 11.57 -23.07 -12.84
C SER A 177 11.56 -21.67 -13.43
N ASP A 178 12.13 -20.74 -12.67
CA ASP A 178 12.23 -19.33 -13.07
C ASP A 178 11.04 -18.75 -13.84
N LEU A 179 9.84 -19.28 -13.61
CA LEU A 179 8.64 -18.77 -14.29
C LEU A 179 7.37 -18.83 -13.43
N TYR A 180 6.54 -17.80 -13.54
CA TYR A 180 5.30 -17.75 -12.77
C TYR A 180 4.11 -18.23 -13.57
N THR A 181 3.02 -18.51 -12.88
CA THR A 181 1.79 -18.98 -13.50
C THR A 181 0.61 -18.76 -12.57
N LEU A 182 -0.48 -18.23 -13.11
CA LEU A 182 -1.67 -18.00 -12.31
C LEU A 182 -2.91 -17.99 -13.21
N SER A 183 -4.07 -18.14 -12.59
CA SER A 183 -5.32 -18.14 -13.31
C SER A 183 -6.28 -17.21 -12.63
N SER A 184 -7.06 -16.49 -13.42
CA SER A 184 -8.06 -15.57 -12.90
C SER A 184 -9.39 -16.13 -13.36
N SER A 185 -10.45 -15.94 -12.57
CA SER A 185 -11.74 -16.46 -12.94
C SER A 185 -12.90 -15.49 -12.78
N VAL A 186 -13.75 -15.44 -13.80
CA VAL A 186 -14.91 -14.57 -13.80
C VAL A 186 -16.18 -15.41 -13.73
N THR A 187 -17.24 -14.85 -13.16
CA THR A 187 -18.51 -15.54 -13.04
C THR A 187 -19.70 -14.64 -13.38
N VAL A 188 -20.23 -14.82 -14.57
CA VAL A 188 -21.36 -14.03 -15.06
C VAL A 188 -22.61 -14.89 -15.07
N PRO A 189 -23.80 -14.26 -15.16
CA PRO A 189 -25.04 -15.03 -15.18
C PRO A 189 -25.00 -15.86 -16.45
N SER A 190 -25.36 -17.15 -16.36
CA SER A 190 -25.32 -18.03 -17.52
C SER A 190 -25.94 -17.45 -18.79
N SER A 191 -26.97 -16.63 -18.62
CA SER A 191 -27.64 -16.01 -19.76
C SER A 191 -26.67 -15.20 -20.61
N SER A 192 -26.20 -14.09 -20.05
CA SER A 192 -25.29 -13.16 -20.72
C SER A 192 -24.17 -13.79 -21.54
N TRP A 193 -23.85 -15.05 -21.31
CA TRP A 193 -22.76 -15.68 -22.07
C TRP A 193 -23.21 -16.75 -23.06
N PRO A 194 -22.67 -16.70 -24.29
CA PRO A 194 -21.72 -15.67 -24.76
C PRO A 194 -22.36 -14.57 -25.60
N SER A 195 -23.67 -14.38 -25.42
CA SER A 195 -24.40 -13.35 -26.15
C SER A 195 -23.96 -11.96 -25.73
N GLU A 196 -22.90 -11.92 -24.92
CA GLU A 196 -22.32 -10.68 -24.41
C GLU A 196 -20.87 -10.98 -24.11
N THR A 197 -20.05 -10.95 -25.14
CA THR A 197 -18.62 -11.25 -25.06
C THR A 197 -17.95 -10.98 -23.71
N VAL A 198 -17.01 -11.85 -23.36
CA VAL A 198 -16.25 -11.73 -22.10
C VAL A 198 -14.77 -11.87 -22.42
N THR A 199 -13.99 -10.85 -22.05
CA THR A 199 -12.55 -10.89 -22.34
C THR A 199 -11.68 -10.61 -21.11
N CYS A 200 -10.55 -11.29 -21.05
CA CYS A 200 -9.62 -11.12 -19.95
C CYS A 200 -8.37 -10.41 -20.47
N ASN A 201 -8.08 -9.25 -19.88
CA ASN A 201 -6.90 -8.45 -20.27
C ASN A 201 -5.75 -8.71 -19.30
N VAL A 202 -4.57 -8.94 -19.84
CA VAL A 202 -3.39 -9.25 -19.05
C VAL A 202 -2.18 -8.40 -19.35
N ALA A 203 -1.78 -7.56 -18.39
CA ALA A 203 -0.62 -6.71 -18.57
C ALA A 203 0.57 -7.23 -17.75
N HIS A 204 1.76 -7.15 -18.32
CA HIS A 204 2.98 -7.60 -17.66
C HIS A 204 4.09 -6.56 -17.89
N PRO A 205 4.11 -5.52 -17.05
CA PRO A 205 5.04 -4.40 -17.06
C PRO A 205 6.52 -4.74 -17.29
N ALA A 206 6.99 -5.82 -16.68
CA ALA A 206 8.39 -6.21 -16.82
C ALA A 206 8.82 -6.32 -18.28
N SER A 207 7.85 -6.49 -19.16
CA SER A 207 8.15 -6.61 -20.59
C SER A 207 7.28 -5.67 -21.40
N SER A 208 6.54 -4.81 -20.71
CA SER A 208 5.67 -3.84 -21.37
C SER A 208 4.78 -4.54 -22.40
N THR A 209 3.91 -5.43 -21.93
CA THR A 209 3.01 -6.16 -22.83
C THR A 209 1.65 -6.35 -22.18
N LYS A 210 0.60 -6.07 -22.92
CA LYS A 210 -0.76 -6.25 -22.39
C LYS A 210 -1.59 -6.92 -23.48
N VAL A 211 -1.87 -8.21 -23.29
CA VAL A 211 -2.63 -8.98 -24.24
C VAL A 211 -4.09 -9.19 -23.87
N ASP A 212 -4.93 -9.37 -24.88
CA ASP A 212 -6.35 -9.61 -24.69
C ASP A 212 -6.64 -11.07 -25.02
N LYS A 213 -7.81 -11.55 -24.63
CA LYS A 213 -8.19 -12.91 -24.91
C LYS A 213 -9.65 -13.17 -24.61
N LYS A 214 -10.46 -13.11 -25.67
CA LYS A 214 -11.89 -13.36 -25.59
C LYS A 214 -12.07 -14.81 -25.16
N ILE A 215 -13.09 -15.05 -24.34
CA ILE A 215 -13.37 -16.40 -23.85
C ILE A 215 -14.62 -16.92 -24.55
N VAL A 216 -14.45 -17.89 -25.46
CA VAL A 216 -15.60 -18.45 -26.18
C VAL A 216 -15.73 -19.95 -25.91
N PRO A 217 -16.92 -20.52 -26.13
CA PRO A 217 -17.12 -21.95 -25.90
C PRO A 217 -16.31 -22.83 -26.86
N ARG A 218 -16.14 -24.09 -26.48
CA ARG A 218 -15.37 -25.03 -27.30
C ARG A 218 -16.16 -25.39 -28.56
N ASP A 219 -15.53 -25.17 -29.71
CA ASP A 219 -16.11 -25.44 -31.03
C ASP A 219 -17.63 -25.62 -31.06
N ASP B 1 14.32 4.31 18.37
CA ASP B 1 13.15 4.87 17.62
C ASP B 1 11.87 4.40 18.26
N ILE B 2 10.79 5.16 18.09
CA ILE B 2 9.52 4.76 18.67
C ILE B 2 9.14 3.40 18.14
N LEU B 3 8.84 2.49 19.05
CA LEU B 3 8.43 1.15 18.70
C LEU B 3 6.92 1.10 18.79
N LEU B 4 6.30 0.61 17.71
CA LEU B 4 4.86 0.46 17.59
C LEU B 4 4.52 -1.02 17.64
N THR B 5 3.69 -1.39 18.62
CA THR B 5 3.32 -2.76 18.79
C THR B 5 1.83 -3.00 18.59
N GLN B 6 1.53 -3.75 17.53
CA GLN B 6 0.16 -4.10 17.18
C GLN B 6 -0.05 -5.57 17.49
N SER B 7 -0.88 -5.83 18.49
CA SER B 7 -1.15 -7.19 18.94
C SER B 7 -2.63 -7.24 19.32
N PRO B 8 -3.33 -8.30 18.93
CA PRO B 8 -2.83 -9.44 18.15
C PRO B 8 -2.59 -9.15 16.68
N ALA B 9 -1.83 -10.03 16.03
CA ALA B 9 -1.48 -9.91 14.63
C ALA B 9 -2.70 -10.22 13.77
N ILE B 10 -3.58 -11.08 14.28
CA ILE B 10 -4.78 -11.49 13.56
C ILE B 10 -6.01 -11.35 14.44
N LEU B 11 -7.09 -10.83 13.86
CA LEU B 11 -8.33 -10.63 14.60
C LEU B 11 -9.50 -11.27 13.86
N SER B 12 -10.18 -12.20 14.51
CA SER B 12 -11.33 -12.90 13.91
C SER B 12 -12.65 -12.45 14.51
N VAL B 13 -13.44 -11.69 13.76
CA VAL B 13 -14.72 -11.24 14.27
C VAL B 13 -15.86 -11.61 13.34
N SER B 14 -17.06 -11.75 13.90
CA SER B 14 -18.22 -12.12 13.12
C SER B 14 -18.88 -10.90 12.50
N PRO B 15 -19.39 -11.06 11.26
CA PRO B 15 -20.06 -10.02 10.47
C PRO B 15 -20.98 -9.12 11.30
N GLY B 16 -20.94 -7.83 11.02
CA GLY B 16 -21.78 -6.90 11.74
C GLY B 16 -21.23 -6.45 13.07
N GLU B 17 -20.37 -7.26 13.68
CA GLU B 17 -19.77 -6.93 14.97
C GLU B 17 -18.91 -5.67 14.93
N ARG B 18 -18.47 -5.23 16.11
CA ARG B 18 -17.60 -4.07 16.25
C ARG B 18 -16.21 -4.69 16.38
N VAL B 19 -15.17 -4.00 15.93
CA VAL B 19 -13.83 -4.56 16.05
C VAL B 19 -12.85 -3.48 16.53
N SER B 20 -11.84 -3.87 17.29
CA SER B 20 -10.87 -2.91 17.82
C SER B 20 -9.41 -3.33 17.77
N PHE B 21 -8.63 -2.65 16.93
CA PHE B 21 -7.19 -2.92 16.76
C PHE B 21 -6.40 -2.01 17.69
N SER B 22 -5.39 -2.55 18.35
CA SER B 22 -4.62 -1.70 19.25
C SER B 22 -3.19 -1.47 18.77
N CYS B 23 -2.69 -0.29 19.07
CA CYS B 23 -1.34 0.08 18.71
C CYS B 23 -0.77 0.73 19.96
N ARG B 24 0.36 0.18 20.44
CA ARG B 24 1.05 0.70 21.62
C ARG B 24 2.47 1.20 21.27
N ALA B 25 2.78 2.43 21.64
CA ALA B 25 4.10 3.00 21.39
C ALA B 25 5.06 2.73 22.58
N SER B 26 6.35 2.63 22.27
CA SER B 26 7.34 2.34 23.28
C SER B 26 7.46 3.52 24.27
N GLN B 27 6.83 4.62 23.93
CA GLN B 27 6.84 5.80 24.79
C GLN B 27 5.73 6.74 24.38
N SER B 28 5.45 7.72 25.22
CA SER B 28 4.38 8.66 24.95
C SER B 28 4.55 9.53 23.70
N ILE B 29 3.59 9.47 22.78
CA ILE B 29 3.65 10.28 21.56
C ILE B 29 2.42 11.17 21.33
N GLY B 30 1.74 11.54 22.42
CA GLY B 30 0.58 12.41 22.33
C GLY B 30 -0.49 11.74 21.51
N THR B 31 -0.85 12.35 20.38
CA THR B 31 -1.85 11.77 19.48
C THR B 31 -1.29 11.70 18.06
N ASP B 32 0.04 11.74 17.97
CA ASP B 32 0.72 11.69 16.69
C ASP B 32 0.81 10.32 16.06
N ILE B 33 -0.33 9.65 15.92
CA ILE B 33 -0.32 8.34 15.30
C ILE B 33 -1.43 8.27 14.23
N HIS B 34 -1.17 7.58 13.13
CA HIS B 34 -2.14 7.49 12.05
C HIS B 34 -2.35 6.08 11.56
N TRP B 35 -3.59 5.72 11.24
CA TRP B 35 -3.89 4.38 10.76
C TRP B 35 -4.03 4.27 9.25
N TYR B 36 -3.60 3.13 8.71
CA TYR B 36 -3.66 2.85 7.29
C TYR B 36 -4.26 1.49 7.01
N GLN B 37 -5.07 1.41 5.96
CA GLN B 37 -5.68 0.14 5.57
C GLN B 37 -5.00 -0.33 4.29
N GLN B 38 -4.74 -1.64 4.18
CA GLN B 38 -4.15 -2.20 2.99
C GLN B 38 -4.82 -3.54 2.67
N ARG B 39 -5.60 -3.54 1.60
CA ARG B 39 -6.27 -4.75 1.19
C ARG B 39 -5.24 -5.51 0.37
N THR B 40 -5.50 -6.79 0.11
CA THR B 40 -4.61 -7.65 -0.68
C THR B 40 -4.32 -7.02 -2.04
N ASN B 41 -3.03 -6.94 -2.39
CA ASN B 41 -2.57 -6.37 -3.66
C ASN B 41 -2.71 -4.87 -3.85
N GLY B 42 -3.36 -4.19 -2.90
CA GLY B 42 -3.49 -2.75 -2.99
C GLY B 42 -2.36 -2.07 -2.23
N SER B 43 -2.35 -0.74 -2.25
CA SER B 43 -1.34 0.03 -1.55
C SER B 43 -2.02 0.60 -0.29
N PRO B 44 -1.23 1.11 0.68
CA PRO B 44 -1.83 1.66 1.90
C PRO B 44 -2.82 2.81 1.67
N ARG B 45 -3.89 2.84 2.47
CA ARG B 45 -4.90 3.89 2.38
C ARG B 45 -5.02 4.57 3.75
N LEU B 46 -4.90 5.90 3.80
CA LEU B 46 -5.01 6.61 5.08
C LEU B 46 -6.43 6.56 5.63
N LEU B 47 -6.63 5.90 6.76
CA LEU B 47 -7.96 5.77 7.38
C LEU B 47 -8.28 6.87 8.37
N ILE B 48 -7.35 7.07 9.30
CA ILE B 48 -7.47 8.06 10.37
C ILE B 48 -6.14 8.75 10.58
N LYS B 49 -6.17 10.04 10.87
CA LYS B 49 -4.94 10.77 11.14
C LYS B 49 -5.00 11.35 12.56
N TYR B 50 -3.83 11.58 13.16
CA TYR B 50 -3.78 12.10 14.51
C TYR B 50 -4.72 11.35 15.46
N ALA B 51 -4.60 10.02 15.45
CA ALA B 51 -5.37 9.15 16.33
C ALA B 51 -6.88 9.17 16.28
N SER B 52 -7.50 10.29 15.92
CA SER B 52 -8.96 10.29 15.91
C SER B 52 -9.62 11.20 14.90
N GLU B 53 -8.83 11.90 14.10
CA GLU B 53 -9.38 12.80 13.09
C GLU B 53 -9.80 11.99 11.85
N SER B 54 -11.05 12.15 11.45
CA SER B 54 -11.61 11.45 10.29
C SER B 54 -11.09 12.02 8.97
N ILE B 55 -10.84 11.12 8.02
CA ILE B 55 -10.38 11.53 6.69
C ILE B 55 -11.64 11.57 5.81
N SER B 56 -11.58 12.29 4.68
CA SER B 56 -12.74 12.34 3.79
C SER B 56 -12.73 11.16 2.83
N GLY B 57 -13.90 10.54 2.65
CA GLY B 57 -14.00 9.42 1.75
C GLY B 57 -13.91 8.10 2.48
N ILE B 58 -14.00 8.14 3.81
CA ILE B 58 -13.93 6.94 4.63
C ILE B 58 -15.24 6.67 5.36
N PRO B 59 -15.77 5.44 5.26
CA PRO B 59 -17.02 5.09 5.94
C PRO B 59 -16.99 5.54 7.40
N SER B 60 -18.14 6.02 7.90
CA SER B 60 -18.25 6.48 9.27
C SER B 60 -18.17 5.33 10.27
N ARG B 61 -17.87 4.13 9.76
CA ARG B 61 -17.76 2.95 10.61
C ARG B 61 -16.38 2.96 11.25
N PHE B 62 -15.48 3.79 10.72
CA PHE B 62 -14.11 3.90 11.22
C PHE B 62 -13.90 5.06 12.19
N SER B 63 -13.29 4.76 13.33
CA SER B 63 -12.99 5.77 14.34
C SER B 63 -11.66 5.45 15.01
N GLY B 64 -11.13 6.44 15.73
CA GLY B 64 -9.86 6.23 16.42
C GLY B 64 -9.85 6.81 17.82
N SER B 65 -9.27 6.08 18.75
CA SER B 65 -9.19 6.51 20.13
C SER B 65 -7.79 6.36 20.65
N GLY B 66 -7.45 7.13 21.67
CA GLY B 66 -6.15 7.01 22.28
C GLY B 66 -5.34 8.28 22.44
N SER B 67 -4.23 8.13 23.14
CA SER B 67 -3.31 9.24 23.37
C SER B 67 -2.28 8.73 24.35
N GLY B 68 -1.04 9.18 24.14
CA GLY B 68 0.04 8.77 24.99
C GLY B 68 0.77 7.59 24.38
N THR B 69 0.34 6.39 24.75
CA THR B 69 0.98 5.18 24.25
C THR B 69 -0.02 4.13 23.79
N ASP B 70 -1.29 4.31 24.14
CA ASP B 70 -2.34 3.35 23.75
C ASP B 70 -3.30 3.92 22.72
N PHE B 71 -3.47 3.21 21.62
CA PHE B 71 -4.36 3.68 20.56
C PHE B 71 -5.23 2.56 20.02
N THR B 72 -6.46 2.94 19.64
CA THR B 72 -7.41 1.97 19.14
C THR B 72 -8.06 2.40 17.83
N LEU B 73 -8.08 1.49 16.86
CA LEU B 73 -8.71 1.74 15.58
C LEU B 73 -9.98 0.91 15.63
N SER B 74 -11.15 1.53 15.61
CA SER B 74 -12.39 0.75 15.65
C SER B 74 -13.25 0.76 14.39
N ILE B 75 -14.01 -0.33 14.22
CA ILE B 75 -14.92 -0.47 13.08
C ILE B 75 -16.26 -0.99 13.57
N ASN B 76 -17.33 -0.25 13.29
CA ASN B 76 -18.66 -0.68 13.69
C ASN B 76 -19.30 -1.46 12.56
N SER B 77 -20.00 -2.54 12.90
CA SER B 77 -20.64 -3.36 11.88
C SER B 77 -19.63 -3.68 10.77
N VAL B 78 -18.66 -4.52 11.13
CA VAL B 78 -17.62 -4.94 10.20
C VAL B 78 -18.22 -5.65 9.00
N GLU B 79 -17.61 -5.47 7.84
CA GLU B 79 -18.09 -6.12 6.63
C GLU B 79 -16.95 -6.53 5.73
N SER B 80 -17.29 -7.34 4.73
CA SER B 80 -16.30 -7.86 3.81
C SER B 80 -15.28 -6.88 3.25
N GLU B 81 -15.71 -5.67 2.89
CA GLU B 81 -14.77 -4.70 2.32
C GLU B 81 -13.72 -4.28 3.35
N ASP B 82 -13.94 -4.65 4.61
CA ASP B 82 -13.01 -4.31 5.69
C ASP B 82 -11.92 -5.36 5.90
N ILE B 83 -11.99 -6.45 5.15
CA ILE B 83 -10.95 -7.48 5.30
C ILE B 83 -9.67 -6.96 4.70
N ALA B 84 -8.66 -6.78 5.57
CA ALA B 84 -7.35 -6.28 5.16
C ALA B 84 -6.32 -6.27 6.31
N ASN B 85 -5.22 -5.59 6.05
CA ASN B 85 -4.16 -5.44 7.03
C ASN B 85 -4.19 -4.03 7.52
N TYR B 86 -4.10 -3.83 8.83
CA TYR B 86 -4.10 -2.49 9.37
C TYR B 86 -2.79 -2.08 10.00
N TYR B 87 -2.35 -0.89 9.65
CA TYR B 87 -1.10 -0.38 10.16
C TYR B 87 -1.22 0.95 10.84
N CYS B 88 -0.38 1.13 11.86
CA CYS B 88 -0.33 2.39 12.56
C CYS B 88 1.05 2.94 12.23
N GLN B 89 1.20 4.26 12.34
CA GLN B 89 2.45 4.94 12.04
C GLN B 89 2.53 6.18 12.92
N GLN B 90 3.71 6.48 13.44
CA GLN B 90 3.84 7.63 14.33
C GLN B 90 4.68 8.75 13.75
N SER B 91 4.36 9.98 14.09
CA SER B 91 5.12 11.07 13.58
C SER B 91 5.57 11.95 14.74
N ASN B 92 5.65 11.37 15.93
CA ASN B 92 6.09 12.12 17.09
C ASN B 92 7.59 12.39 17.04
N ARG B 93 8.39 11.37 16.75
CA ARG B 93 9.84 11.57 16.70
C ARG B 93 10.45 10.95 15.45
N TRP B 94 11.55 11.52 14.99
CA TRP B 94 12.26 11.04 13.81
C TRP B 94 13.11 9.82 14.15
N PRO B 95 13.07 8.76 13.33
CA PRO B 95 12.27 8.60 12.11
C PRO B 95 10.85 8.09 12.34
N PHE B 96 10.03 8.24 11.33
CA PHE B 96 8.66 7.77 11.35
C PHE B 96 8.80 6.25 11.35
N THR B 97 7.79 5.55 11.85
CA THR B 97 7.81 4.10 11.89
C THR B 97 6.39 3.60 11.83
N PHE B 98 6.28 2.29 11.60
CA PHE B 98 5.02 1.61 11.46
C PHE B 98 4.97 0.42 12.40
N GLY B 99 3.75 0.03 12.75
CA GLY B 99 3.55 -1.14 13.57
C GLY B 99 3.61 -2.35 12.65
N SER B 100 3.75 -3.53 13.24
CA SER B 100 3.87 -4.77 12.47
C SER B 100 2.62 -5.09 11.68
N GLY B 101 1.48 -4.53 12.09
CA GLY B 101 0.24 -4.76 11.38
C GLY B 101 -0.67 -5.79 11.97
N THR B 102 -1.96 -5.64 11.68
CA THR B 102 -3.00 -6.54 12.16
C THR B 102 -3.96 -6.92 11.01
N LYS B 103 -4.14 -8.22 10.82
CA LYS B 103 -5.00 -8.76 9.79
C LYS B 103 -6.43 -8.95 10.29
N LEU B 104 -7.39 -8.40 9.55
CA LEU B 104 -8.78 -8.55 9.92
C LEU B 104 -9.31 -9.77 9.20
N GLU B 105 -10.08 -10.57 9.93
CA GLU B 105 -10.61 -11.81 9.40
C GLU B 105 -12.05 -11.99 9.88
N ILE B 106 -12.97 -12.09 8.93
CA ILE B 106 -14.39 -12.26 9.23
C ILE B 106 -14.85 -13.70 9.17
N LYS B 107 -15.64 -14.11 10.16
CA LYS B 107 -16.16 -15.48 10.21
C LYS B 107 -17.63 -15.50 9.78
N ARG B 108 -17.85 -16.04 8.58
CA ARG B 108 -19.19 -16.14 8.02
C ARG B 108 -19.77 -17.54 8.13
N ALA B 109 -20.96 -17.74 7.56
CA ALA B 109 -21.60 -19.06 7.59
C ALA B 109 -20.88 -19.96 6.58
N ASP B 110 -20.84 -21.26 6.85
CA ASP B 110 -20.17 -22.20 5.94
C ASP B 110 -20.74 -22.13 4.54
N ALA B 111 -19.90 -22.41 3.55
CA ALA B 111 -20.33 -22.38 2.16
C ALA B 111 -19.56 -23.40 1.33
N ALA B 112 -20.29 -24.36 0.76
CA ALA B 112 -19.68 -25.39 -0.08
C ALA B 112 -19.12 -24.70 -1.33
N PRO B 113 -18.00 -25.20 -1.86
CA PRO B 113 -17.40 -24.61 -3.05
C PRO B 113 -18.06 -24.92 -4.39
N THR B 114 -18.00 -23.95 -5.29
CA THR B 114 -18.52 -24.14 -6.63
C THR B 114 -17.29 -24.66 -7.35
N VAL B 115 -17.41 -25.78 -8.07
CA VAL B 115 -16.25 -26.32 -8.76
C VAL B 115 -16.40 -26.28 -10.28
N SER B 116 -15.27 -26.17 -10.95
CA SER B 116 -15.24 -26.13 -12.40
C SER B 116 -13.91 -26.68 -12.90
N ILE B 117 -13.99 -27.68 -13.75
CA ILE B 117 -12.78 -28.27 -14.32
C ILE B 117 -12.65 -27.76 -15.74
N PHE B 118 -11.42 -27.43 -16.13
CA PHE B 118 -11.17 -26.90 -17.46
C PHE B 118 -10.12 -27.68 -18.22
N PRO B 119 -10.47 -28.12 -19.44
CA PRO B 119 -9.58 -28.89 -20.32
C PRO B 119 -8.58 -27.94 -20.96
N PRO B 120 -7.33 -28.39 -21.14
CA PRO B 120 -6.33 -27.51 -21.75
C PRO B 120 -6.86 -26.86 -23.02
N SER B 121 -6.47 -25.61 -23.25
CA SER B 121 -6.91 -24.86 -24.42
C SER B 121 -6.24 -25.36 -25.69
N SER B 122 -6.92 -25.19 -26.81
CA SER B 122 -6.37 -25.61 -28.09
C SER B 122 -5.08 -24.81 -28.32
N GLU B 123 -5.17 -23.49 -28.13
CA GLU B 123 -4.01 -22.62 -28.30
C GLU B 123 -2.83 -23.15 -27.51
N GLN B 124 -3.11 -23.72 -26.34
CA GLN B 124 -2.05 -24.27 -25.50
C GLN B 124 -1.42 -25.50 -26.13
N LEU B 125 -2.21 -26.56 -26.26
CA LEU B 125 -1.72 -27.81 -26.85
C LEU B 125 -0.86 -27.54 -28.09
N THR B 126 -1.33 -26.63 -28.94
CA THR B 126 -0.64 -26.27 -30.18
C THR B 126 0.84 -25.97 -29.98
N SER B 127 1.22 -25.59 -28.77
CA SER B 127 2.61 -25.26 -28.47
C SER B 127 3.35 -26.25 -27.59
N GLY B 128 2.82 -27.47 -27.48
CA GLY B 128 3.47 -28.50 -26.69
C GLY B 128 3.13 -28.55 -25.21
N GLY B 129 2.13 -27.77 -24.79
CA GLY B 129 1.74 -27.77 -23.40
C GLY B 129 0.33 -28.26 -23.14
N ALA B 130 0.08 -28.74 -21.92
CA ALA B 130 -1.24 -29.25 -21.53
C ALA B 130 -1.52 -29.02 -20.03
N SER B 131 -2.45 -28.12 -19.74
CA SER B 131 -2.80 -27.81 -18.36
C SER B 131 -4.27 -28.01 -18.06
N VAL B 132 -4.55 -28.91 -17.11
CA VAL B 132 -5.92 -29.18 -16.69
C VAL B 132 -6.17 -28.34 -15.43
N VAL B 133 -6.96 -27.27 -15.58
CA VAL B 133 -7.26 -26.37 -14.48
C VAL B 133 -8.59 -26.65 -13.80
N CYS B 134 -8.68 -26.37 -12.51
CA CYS B 134 -9.89 -26.59 -11.75
C CYS B 134 -10.07 -25.48 -10.70
N PHE B 135 -11.30 -25.01 -10.53
CA PHE B 135 -11.58 -23.93 -9.57
C PHE B 135 -12.56 -24.26 -8.46
N LEU B 136 -12.11 -24.02 -7.24
CA LEU B 136 -12.93 -24.21 -6.04
C LEU B 136 -13.17 -22.78 -5.56
N ASN B 137 -14.31 -22.22 -5.97
CA ASN B 137 -14.67 -20.84 -5.64
C ASN B 137 -15.68 -20.66 -4.51
N ASN B 138 -15.44 -19.63 -3.71
CA ASN B 138 -16.30 -19.24 -2.62
C ASN B 138 -16.66 -20.25 -1.54
N PHE B 139 -15.70 -21.07 -1.13
CA PHE B 139 -15.97 -22.03 -0.09
C PHE B 139 -15.61 -21.39 1.28
N TYR B 140 -15.91 -22.10 2.36
CA TYR B 140 -15.64 -21.60 3.70
C TYR B 140 -16.15 -22.61 4.73
N PRO B 141 -15.31 -22.94 5.74
CA PRO B 141 -13.94 -22.48 6.02
C PRO B 141 -12.93 -22.65 4.89
N LYS B 142 -11.73 -22.10 5.07
CA LYS B 142 -10.72 -22.17 4.03
C LYS B 142 -10.09 -23.54 3.85
N ASP B 143 -10.32 -24.45 4.79
CA ASP B 143 -9.73 -25.78 4.68
C ASP B 143 -10.46 -26.62 3.67
N ILE B 144 -9.74 -26.99 2.60
CA ILE B 144 -10.31 -27.79 1.54
C ILE B 144 -9.24 -28.70 0.94
N ASN B 145 -9.66 -29.90 0.51
CA ASN B 145 -8.75 -30.88 -0.08
C ASN B 145 -9.20 -31.19 -1.52
N VAL B 146 -8.25 -31.10 -2.47
CA VAL B 146 -8.55 -31.36 -3.87
C VAL B 146 -7.77 -32.58 -4.37
N LYS B 147 -8.46 -33.43 -5.13
CA LYS B 147 -7.86 -34.66 -5.66
C LYS B 147 -7.95 -34.78 -7.18
N TRP B 148 -6.89 -35.29 -7.78
CA TRP B 148 -6.84 -35.50 -9.22
C TRP B 148 -6.79 -36.98 -9.59
N LYS B 149 -7.67 -37.38 -10.50
CA LYS B 149 -7.72 -38.77 -10.97
C LYS B 149 -7.66 -38.79 -12.49
N ILE B 150 -6.78 -39.62 -13.03
CA ILE B 150 -6.66 -39.77 -14.48
C ILE B 150 -7.05 -41.18 -14.86
N ASP B 151 -8.22 -41.31 -15.48
CA ASP B 151 -8.75 -42.60 -15.89
C ASP B 151 -8.98 -43.49 -14.68
N GLY B 152 -9.78 -43.00 -13.73
CA GLY B 152 -10.07 -43.77 -12.54
C GLY B 152 -9.01 -43.78 -11.45
N SER B 153 -7.74 -43.70 -11.83
CA SER B 153 -6.64 -43.73 -10.86
C SER B 153 -6.15 -42.37 -10.36
N GLU B 154 -5.77 -42.30 -9.09
CA GLU B 154 -5.29 -41.07 -8.46
C GLU B 154 -3.99 -40.54 -9.05
N ARG B 155 -3.89 -39.22 -9.16
CA ARG B 155 -2.71 -38.55 -9.70
C ARG B 155 -2.21 -37.45 -8.77
N GLN B 156 -0.96 -37.06 -8.94
CA GLN B 156 -0.35 -36.03 -8.11
C GLN B 156 0.65 -35.22 -8.92
N ASN B 157 1.81 -35.81 -9.19
CA ASN B 157 2.85 -35.15 -9.96
C ASN B 157 2.28 -34.19 -11.00
N GLY B 158 2.85 -32.99 -11.07
CA GLY B 158 2.39 -32.00 -12.03
C GLY B 158 1.34 -31.07 -11.49
N VAL B 159 0.82 -31.36 -10.30
CA VAL B 159 -0.21 -30.53 -9.68
C VAL B 159 0.35 -29.38 -8.83
N LEU B 160 -0.16 -28.17 -9.07
CA LEU B 160 0.26 -26.98 -8.33
C LEU B 160 -0.99 -26.21 -7.89
N ASN B 161 -1.18 -26.08 -6.57
CA ASN B 161 -2.33 -25.37 -6.04
C ASN B 161 -2.06 -23.89 -5.70
N SER B 162 -3.12 -23.15 -5.43
CA SER B 162 -3.01 -21.74 -5.07
C SER B 162 -4.27 -21.31 -4.31
N TRP B 163 -4.07 -20.59 -3.21
CA TRP B 163 -5.20 -20.15 -2.40
C TRP B 163 -5.26 -18.63 -2.36
N THR B 164 -6.42 -18.11 -1.98
CA THR B 164 -6.59 -16.66 -1.89
C THR B 164 -6.94 -16.30 -0.47
N ASP B 165 -6.51 -15.12 -0.03
CA ASP B 165 -6.85 -14.68 1.31
C ASP B 165 -8.35 -14.51 1.28
N GLN B 166 -8.98 -14.39 2.45
CA GLN B 166 -10.42 -14.24 2.48
C GLN B 166 -10.82 -13.17 1.48
N ASP B 167 -11.96 -13.37 0.82
CA ASP B 167 -12.44 -12.46 -0.19
C ASP B 167 -13.06 -11.22 0.45
N SER B 168 -12.80 -10.05 -0.12
CA SER B 168 -13.34 -8.81 0.43
C SER B 168 -14.73 -8.47 -0.11
N LYS B 169 -15.37 -9.43 -0.79
CA LYS B 169 -16.72 -9.20 -1.33
C LYS B 169 -17.73 -9.98 -0.49
N ASP B 170 -17.41 -11.25 -0.22
CA ASP B 170 -18.29 -12.11 0.54
C ASP B 170 -17.64 -12.79 1.75
N SER B 171 -16.34 -12.60 1.93
CA SER B 171 -15.63 -13.18 3.06
C SER B 171 -15.45 -14.68 2.89
N THR B 172 -15.31 -15.13 1.65
CA THR B 172 -15.11 -16.56 1.40
C THR B 172 -13.67 -16.79 0.98
N TYR B 173 -13.36 -18.03 0.61
CA TYR B 173 -12.02 -18.38 0.15
C TYR B 173 -12.15 -19.10 -1.18
N SER B 174 -11.06 -19.12 -1.95
CA SER B 174 -11.09 -19.80 -3.23
C SER B 174 -9.73 -20.37 -3.53
N MET B 175 -9.72 -21.50 -4.22
CA MET B 175 -8.48 -22.19 -4.57
C MET B 175 -8.36 -22.55 -6.04
N SER B 176 -7.13 -22.68 -6.51
CA SER B 176 -6.86 -23.02 -7.90
C SER B 176 -5.89 -24.19 -8.01
N SER B 177 -6.38 -25.33 -8.48
CA SER B 177 -5.55 -26.51 -8.65
C SER B 177 -5.21 -26.72 -10.13
N THR B 178 -3.91 -26.73 -10.44
CA THR B 178 -3.48 -26.88 -11.82
C THR B 178 -2.50 -28.02 -12.06
N LEU B 179 -3.04 -29.12 -12.60
CA LEU B 179 -2.27 -30.30 -12.94
C LEU B 179 -1.80 -30.12 -14.39
N THR B 180 -0.49 -30.08 -14.60
CA THR B 180 0.06 -29.89 -15.94
C THR B 180 0.69 -31.16 -16.47
N LEU B 181 0.46 -31.42 -17.76
CA LEU B 181 0.99 -32.61 -18.43
C LEU B 181 1.58 -32.16 -19.77
N THR B 182 2.30 -33.05 -20.44
CA THR B 182 2.86 -32.74 -21.76
C THR B 182 1.74 -33.06 -22.74
N LYS B 183 1.84 -32.56 -23.97
CA LYS B 183 0.79 -32.85 -24.94
C LYS B 183 0.60 -34.36 -24.95
N ASP B 184 1.67 -35.08 -25.28
CA ASP B 184 1.66 -36.54 -25.34
C ASP B 184 0.96 -37.14 -24.12
N GLU B 185 1.53 -36.92 -22.95
CA GLU B 185 0.98 -37.42 -21.70
C GLU B 185 -0.53 -37.21 -21.69
N TYR B 186 -0.96 -36.06 -22.20
CA TYR B 186 -2.37 -35.73 -22.26
C TYR B 186 -3.02 -36.47 -23.43
N GLU B 187 -2.33 -36.48 -24.57
CA GLU B 187 -2.83 -37.14 -25.78
C GLU B 187 -3.08 -38.62 -25.59
N ARG B 188 -2.62 -39.17 -24.47
CA ARG B 188 -2.81 -40.59 -24.21
C ARG B 188 -3.52 -40.93 -22.91
N HIS B 189 -4.68 -40.31 -22.70
CA HIS B 189 -5.52 -40.54 -21.53
C HIS B 189 -6.95 -40.06 -21.83
N ASN B 190 -7.93 -40.83 -21.38
CA ASN B 190 -9.33 -40.53 -21.62
C ASN B 190 -9.90 -39.39 -20.79
N SER B 191 -10.15 -39.65 -19.51
CA SER B 191 -10.73 -38.63 -18.63
C SER B 191 -9.82 -38.07 -17.53
N TYR B 192 -10.23 -36.91 -17.03
CA TYR B 192 -9.53 -36.22 -15.95
C TYR B 192 -10.59 -35.74 -14.98
N THR B 193 -10.40 -36.05 -13.71
CA THR B 193 -11.37 -35.68 -12.67
C THR B 193 -10.77 -34.78 -11.59
N CYS B 194 -11.60 -33.87 -11.10
CA CYS B 194 -11.20 -32.95 -10.05
C CYS B 194 -12.13 -33.15 -8.86
N GLU B 195 -11.58 -33.63 -7.75
CA GLU B 195 -12.39 -33.90 -6.55
C GLU B 195 -12.14 -32.94 -5.40
N ALA B 196 -13.20 -32.25 -5.00
CA ALA B 196 -13.12 -31.28 -3.91
C ALA B 196 -13.78 -31.79 -2.64
N THR B 197 -12.97 -32.17 -1.65
CA THR B 197 -13.48 -32.65 -0.38
C THR B 197 -13.56 -31.47 0.58
N HIS B 198 -14.76 -31.17 1.05
CA HIS B 198 -14.91 -30.03 1.94
C HIS B 198 -15.85 -30.28 3.11
N LYS B 199 -15.49 -29.69 4.25
CA LYS B 199 -16.21 -29.78 5.50
C LYS B 199 -17.75 -29.76 5.42
N THR B 200 -18.29 -29.11 4.38
CA THR B 200 -19.73 -29.00 4.21
C THR B 200 -20.43 -30.25 3.65
N SER B 201 -19.64 -31.18 3.12
CA SER B 201 -20.18 -32.41 2.57
C SER B 201 -19.27 -33.60 2.80
N THR B 202 -19.84 -34.67 3.37
CA THR B 202 -19.09 -35.89 3.63
C THR B 202 -18.63 -36.45 2.28
N SER B 203 -19.50 -36.31 1.28
CA SER B 203 -19.22 -36.78 -0.06
C SER B 203 -18.50 -35.66 -0.80
N PRO B 204 -17.49 -36.01 -1.61
CA PRO B 204 -16.74 -35.00 -2.36
C PRO B 204 -17.46 -34.52 -3.62
N ILE B 205 -17.29 -33.24 -3.93
CA ILE B 205 -17.90 -32.65 -5.11
C ILE B 205 -16.95 -32.93 -6.27
N VAL B 206 -17.43 -33.65 -7.28
CA VAL B 206 -16.58 -34.00 -8.41
C VAL B 206 -17.03 -33.44 -9.76
N LYS B 207 -16.04 -33.06 -10.55
CA LYS B 207 -16.27 -32.52 -11.88
C LYS B 207 -15.23 -33.21 -12.78
N SER B 208 -15.69 -33.77 -13.90
CA SER B 208 -14.78 -34.47 -14.80
C SER B 208 -14.97 -34.09 -16.27
N PHE B 209 -14.15 -34.70 -17.12
CA PHE B 209 -14.21 -34.46 -18.55
C PHE B 209 -13.30 -35.46 -19.26
N ASN B 210 -13.74 -35.98 -20.40
CA ASN B 210 -12.96 -36.94 -21.19
C ASN B 210 -12.47 -36.19 -22.43
N ARG B 211 -11.27 -36.51 -22.89
CA ARG B 211 -10.72 -35.82 -24.04
C ARG B 211 -11.46 -36.11 -25.36
N ASN B 212 -12.46 -36.98 -25.30
CA ASN B 212 -13.24 -37.33 -26.50
C ASN B 212 -14.46 -36.44 -26.70
N SER C 22 2.65 59.73 10.70
CA SER C 22 2.99 58.68 11.71
C SER C 22 4.50 58.67 12.00
N ALA C 23 4.84 58.61 13.28
CA ALA C 23 6.23 58.62 13.73
C ALA C 23 7.07 57.38 13.40
N LEU C 24 8.37 57.60 13.29
CA LEU C 24 9.32 56.54 13.00
C LEU C 24 9.09 55.34 13.92
N HIS C 25 9.21 55.60 15.23
CA HIS C 25 9.05 54.56 16.24
C HIS C 25 7.76 53.76 16.05
N TRP C 26 6.71 54.42 15.59
CA TRP C 26 5.45 53.73 15.37
C TRP C 26 5.55 52.84 14.15
N ARG C 27 6.56 53.09 13.33
CA ARG C 27 6.77 52.31 12.12
C ARG C 27 7.66 51.13 12.42
N ALA C 28 8.78 51.38 13.10
CA ALA C 28 9.69 50.29 13.45
C ALA C 28 8.90 49.25 14.27
N ALA C 29 8.03 49.74 15.15
CA ALA C 29 7.21 48.84 15.95
C ALA C 29 6.45 47.97 14.97
N GLY C 30 5.76 48.63 14.05
CA GLY C 30 4.98 47.94 13.04
C GLY C 30 5.88 47.03 12.24
N ALA C 31 6.91 47.61 11.62
CA ALA C 31 7.83 46.84 10.82
C ALA C 31 8.28 45.58 11.56
N ALA C 32 8.71 45.76 12.80
CA ALA C 32 9.20 44.65 13.61
C ALA C 32 8.16 43.55 13.75
N THR C 33 6.90 43.93 13.88
CA THR C 33 5.85 42.94 14.04
C THR C 33 5.64 42.14 12.77
N VAL C 34 5.84 42.78 11.63
CA VAL C 34 5.70 42.11 10.34
C VAL C 34 6.83 41.10 10.23
N LEU C 35 8.04 41.61 10.43
CA LEU C 35 9.27 40.82 10.34
C LEU C 35 9.26 39.63 11.31
N LEU C 36 8.68 39.83 12.49
CA LEU C 36 8.63 38.75 13.46
C LEU C 36 7.78 37.62 12.89
N VAL C 37 6.64 37.97 12.30
CA VAL C 37 5.77 36.96 11.73
C VAL C 37 6.49 36.17 10.64
N ILE C 38 7.37 36.84 9.90
CA ILE C 38 8.14 36.20 8.84
C ILE C 38 9.12 35.20 9.46
N VAL C 39 9.91 35.67 10.41
CA VAL C 39 10.86 34.82 11.12
C VAL C 39 10.17 33.61 11.73
N LEU C 40 8.98 33.79 12.29
CA LEU C 40 8.26 32.64 12.86
C LEU C 40 8.00 31.58 11.81
N LEU C 41 7.43 31.99 10.66
CA LEU C 41 7.11 31.05 9.60
C LEU C 41 8.37 30.46 9.00
N ALA C 42 9.26 31.31 8.52
CA ALA C 42 10.49 30.84 7.92
C ALA C 42 11.13 29.90 8.92
N GLY C 43 11.08 30.30 10.20
CA GLY C 43 11.65 29.51 11.28
C GLY C 43 11.03 28.15 11.40
N SER C 44 9.71 28.09 11.42
CA SER C 44 9.02 26.80 11.53
C SER C 44 9.47 25.92 10.38
N TYR C 45 9.60 26.52 9.21
CA TYR C 45 10.00 25.81 8.01
C TYR C 45 11.45 25.33 8.11
N LEU C 46 12.37 26.24 8.42
CA LEU C 46 13.76 25.84 8.52
C LEU C 46 14.03 24.84 9.66
N ALA C 47 13.33 24.98 10.77
CA ALA C 47 13.52 24.07 11.88
C ALA C 47 13.33 22.64 11.40
N VAL C 48 12.17 22.38 10.80
CA VAL C 48 11.87 21.03 10.31
C VAL C 48 12.94 20.51 9.38
N LEU C 49 13.40 21.32 8.43
CA LEU C 49 14.44 20.85 7.51
C LEU C 49 15.68 20.47 8.29
N ALA C 50 16.10 21.34 9.19
CA ALA C 50 17.29 21.10 10.00
C ALA C 50 17.17 19.91 10.90
N GLU C 51 15.98 19.70 11.45
CA GLU C 51 15.75 18.62 12.39
C GLU C 51 15.50 17.23 11.81
N ARG C 52 14.73 17.09 10.73
CA ARG C 52 14.51 15.75 10.18
C ARG C 52 15.88 15.20 9.84
N GLY C 53 16.12 13.94 10.18
CA GLY C 53 17.44 13.38 9.93
C GLY C 53 18.17 13.15 11.25
N ALA C 54 17.81 13.88 12.31
CA ALA C 54 18.46 13.71 13.64
C ALA C 54 17.60 12.82 14.54
N PRO C 55 18.06 11.60 14.83
CA PRO C 55 17.35 10.64 15.66
C PRO C 55 16.77 11.25 16.92
N GLY C 56 15.50 10.93 17.20
CA GLY C 56 14.83 11.46 18.38
C GLY C 56 14.32 12.91 18.27
N ALA C 57 14.55 13.56 17.13
CA ALA C 57 14.06 14.94 16.99
C ALA C 57 12.53 15.00 16.98
N GLN C 58 11.99 16.07 17.58
CA GLN C 58 10.53 16.29 17.70
C GLN C 58 10.07 17.45 16.87
N LEU C 59 10.98 18.36 16.55
CA LEU C 59 10.62 19.51 15.73
C LEU C 59 10.58 19.01 14.27
N ILE C 60 9.67 18.09 13.95
CA ILE C 60 9.66 17.57 12.59
C ILE C 60 8.42 17.59 11.70
N THR C 61 7.41 18.37 12.08
CA THR C 61 6.19 18.58 11.30
C THR C 61 5.93 20.11 11.36
N TYR C 62 5.48 20.70 10.26
CA TYR C 62 5.30 22.14 10.21
C TYR C 62 4.47 22.78 11.30
N PRO C 63 3.31 22.21 11.61
CA PRO C 63 2.51 22.85 12.65
C PRO C 63 3.11 22.97 14.06
N ARG C 64 3.67 21.85 14.54
CA ARG C 64 4.37 21.76 15.81
C ARG C 64 5.44 22.86 15.91
N ALA C 65 6.30 22.85 14.91
CA ALA C 65 7.39 23.79 14.81
C ALA C 65 6.95 25.23 14.82
N LEU C 66 5.72 25.47 14.38
CA LEU C 66 5.25 26.84 14.35
C LEU C 66 4.85 27.30 15.75
N TRP C 67 4.36 26.35 16.57
CA TRP C 67 3.98 26.65 17.94
C TRP C 67 5.25 26.74 18.76
N TRP C 68 6.19 25.89 18.41
CA TRP C 68 7.48 25.87 19.06
C TRP C 68 8.13 27.21 18.80
N SER C 69 7.83 27.71 17.61
CA SER C 69 8.34 28.99 17.13
C SER C 69 7.80 30.17 17.93
N VAL C 70 6.48 30.19 18.15
CA VAL C 70 5.85 31.27 18.90
C VAL C 70 6.37 31.29 20.33
N ALA C 71 6.50 30.10 20.90
CA ALA C 71 6.96 29.90 22.28
C ALA C 71 8.36 30.48 22.44
N THR C 72 9.27 30.07 21.57
CA THR C 72 10.63 30.55 21.61
C THR C 72 10.74 32.05 21.42
N ALA C 73 9.95 32.60 20.50
CA ALA C 73 9.99 34.04 20.25
C ALA C 73 9.53 34.80 21.50
N THR C 74 8.62 34.19 22.26
CA THR C 74 8.14 34.85 23.48
C THR C 74 8.99 34.36 24.66
N THR C 75 10.12 33.79 24.31
CA THR C 75 11.09 33.21 25.25
C THR C 75 10.50 32.16 26.20
N VAL C 76 9.56 31.34 25.79
CA VAL C 76 8.99 30.33 26.67
C VAL C 76 9.47 28.93 26.24
N GLY C 77 9.87 28.09 27.20
CA GLY C 77 10.33 26.74 26.89
C GLY C 77 9.29 25.73 27.34
N TYR C 78 9.24 24.56 26.74
CA TYR C 78 8.26 23.58 27.15
C TYR C 78 8.85 22.19 27.05
N GLY C 79 9.44 21.72 28.13
CA GLY C 79 10.03 20.39 28.19
C GLY C 79 11.34 20.21 27.48
N ASP C 80 11.25 19.36 26.47
CA ASP C 80 12.38 19.07 25.65
C ASP C 80 11.87 19.28 24.22
N LEU C 81 10.92 20.23 24.08
CA LEU C 81 10.34 20.57 22.76
C LEU C 81 11.30 21.63 22.27
N TYR C 82 12.50 21.18 21.95
CA TYR C 82 13.55 22.05 21.47
C TYR C 82 14.34 21.37 20.37
N PRO C 83 15.05 22.15 19.56
CA PRO C 83 15.83 21.57 18.47
C PRO C 83 17.02 20.81 19.03
N VAL C 84 17.43 19.75 18.34
CA VAL C 84 18.57 18.95 18.79
C VAL C 84 19.77 19.04 17.84
N THR C 85 19.56 19.59 16.66
CA THR C 85 20.65 19.72 15.70
C THR C 85 21.25 21.11 15.86
N LEU C 86 22.47 21.27 15.38
CA LEU C 86 23.17 22.56 15.45
C LEU C 86 22.41 23.65 14.71
N TRP C 87 22.03 23.39 13.46
CA TRP C 87 21.32 24.40 12.68
C TRP C 87 19.96 24.64 13.31
N GLY C 88 19.36 23.57 13.84
CA GLY C 88 18.07 23.74 14.46
C GLY C 88 18.20 24.83 15.49
N ARG C 89 19.20 24.70 16.35
CA ARG C 89 19.45 25.68 17.41
C ARG C 89 19.79 27.07 16.90
N CYS C 90 20.57 27.15 15.83
CA CYS C 90 20.93 28.43 15.26
C CYS C 90 19.62 29.10 14.84
N VAL C 91 18.72 28.31 14.31
CA VAL C 91 17.44 28.85 13.90
C VAL C 91 16.75 29.38 15.15
N ALA C 92 16.80 28.57 16.22
CA ALA C 92 16.19 28.92 17.51
C ALA C 92 16.69 30.25 18.00
N VAL C 93 17.96 30.52 17.75
CA VAL C 93 18.56 31.76 18.22
C VAL C 93 18.03 32.96 17.47
N VAL C 94 17.83 32.79 16.17
CA VAL C 94 17.33 33.91 15.36
C VAL C 94 15.92 34.21 15.78
N VAL C 95 15.14 33.17 16.05
CA VAL C 95 13.78 33.39 16.44
C VAL C 95 13.67 34.07 17.80
N MET C 96 14.52 33.67 18.76
CA MET C 96 14.49 34.30 20.09
C MET C 96 14.83 35.78 20.01
N VAL C 97 15.92 36.08 19.29
CA VAL C 97 16.41 37.44 19.12
C VAL C 97 15.43 38.30 18.37
N ALA C 98 14.81 37.76 17.33
CA ALA C 98 13.84 38.58 16.59
C ALA C 98 12.66 38.89 17.53
N GLY C 99 12.30 37.90 18.34
CA GLY C 99 11.18 38.08 19.27
C GLY C 99 11.50 39.07 20.38
N ILE C 100 12.72 38.98 20.91
CA ILE C 100 13.08 39.89 21.99
C ILE C 100 13.35 41.28 21.45
N THR C 101 13.75 41.36 20.19
CA THR C 101 14.04 42.65 19.59
C THR C 101 12.71 43.28 19.23
N SER C 102 11.75 42.48 18.81
CA SER C 102 10.45 43.02 18.44
C SER C 102 9.71 43.59 19.63
N PHE C 103 9.61 42.79 20.68
CA PHE C 103 8.88 43.24 21.86
C PHE C 103 9.54 44.40 22.59
N GLY C 104 10.87 44.44 22.58
CA GLY C 104 11.55 45.54 23.25
C GLY C 104 11.41 46.79 22.43
N LEU C 105 11.18 46.60 21.14
CA LEU C 105 11.02 47.72 20.22
C LEU C 105 9.62 48.29 20.37
N VAL C 106 8.64 47.43 20.69
CA VAL C 106 7.29 47.91 20.90
C VAL C 106 7.44 48.69 22.20
N THR C 107 8.13 48.11 23.17
CA THR C 107 8.33 48.76 24.46
C THR C 107 8.96 50.13 24.31
N ALA C 108 9.90 50.25 23.40
CA ALA C 108 10.55 51.53 23.20
C ALA C 108 9.59 52.50 22.54
N ALA C 109 8.78 52.00 21.61
CA ALA C 109 7.81 52.85 20.92
C ALA C 109 6.77 53.41 21.91
N LEU C 110 6.29 52.57 22.81
CA LEU C 110 5.33 52.99 23.81
C LEU C 110 5.97 53.98 24.76
N ALA C 111 7.28 53.90 24.92
CA ALA C 111 7.96 54.81 25.84
C ALA C 111 8.19 56.16 25.19
N THR C 112 8.19 56.21 23.87
CA THR C 112 8.38 57.50 23.17
C THR C 112 7.05 58.20 23.12
N TRP C 113 6.00 57.40 23.01
CA TRP C 113 4.67 57.96 22.99
C TRP C 113 4.39 58.60 24.36
N PHE C 114 4.66 57.87 25.44
CA PHE C 114 4.43 58.40 26.77
C PHE C 114 5.33 59.57 27.13
N VAL C 115 6.56 59.58 26.63
CA VAL C 115 7.49 60.66 26.96
C VAL C 115 7.11 61.92 26.18
N GLY C 116 6.48 61.74 25.02
CA GLY C 116 6.03 62.87 24.23
C GLY C 116 4.78 63.50 24.82
N ARG C 117 3.81 62.69 25.21
CA ARG C 117 2.60 63.25 25.78
C ARG C 117 2.88 64.03 27.05
N GLU C 118 3.81 63.53 27.88
CA GLU C 118 4.12 64.23 29.13
C GLU C 118 4.78 65.58 28.85
N GLN C 119 5.49 65.69 27.74
CA GLN C 119 6.13 66.95 27.40
C GLN C 119 5.01 67.95 27.07
N GLU C 120 3.93 67.45 26.45
CA GLU C 120 2.80 68.29 26.11
C GLU C 120 2.10 68.70 27.41
N ARG C 121 1.76 67.70 28.23
CA ARG C 121 1.09 67.95 29.50
C ARG C 121 1.80 69.04 30.32
N ARG C 122 3.11 69.21 30.09
CA ARG C 122 3.86 70.22 30.82
C ARG C 122 4.05 71.45 29.96
N GLY C 123 3.46 71.42 28.76
CA GLY C 123 3.53 72.55 27.85
C GLY C 123 4.96 72.93 27.60
N HIS C 124 5.77 71.91 27.55
CA HIS C 124 7.17 72.12 27.34
C HIS C 124 7.50 72.19 25.85
#